data_8JVM
#
_entry.id   8JVM
#
_cell.length_a   1.00
_cell.length_b   1.00
_cell.length_c   1.00
_cell.angle_alpha   90.00
_cell.angle_beta   90.00
_cell.angle_gamma   90.00
#
_symmetry.space_group_name_H-M   'P 1'
#
_entity_poly.entity_id   1
_entity_poly.type   'polypeptide(L)'
_entity_poly.pdbx_seq_one_letter_code
;ELLEKVELTEDNASRLEEFSKEWKDASDKWNAMAAVKAEQTKDGKHYVAGIGLSMEDTEEGKLSQFLVAANRIAAIDPAN
GNETPMFVAQGNQIFMNDVFLKRLTAPTITSGGNPPAFSLTPDGKLTAKNADISGSVNANSGTLSNVTIAENCTINGTLR
AEKIVG
;
_entity_poly.pdbx_strand_id   F,J,Z
#
# COMPACT_ATOMS: atom_id res chain seq x y z
N GLU A 1 47.68 20.30 53.46
CA GLU A 1 47.11 18.96 53.33
C GLU A 1 45.61 18.95 53.58
N LEU A 2 45.24 19.23 54.83
CA LEU A 2 43.84 19.20 55.23
C LEU A 2 42.96 20.06 54.33
N LEU A 3 43.49 21.19 53.86
CA LEU A 3 42.73 22.10 53.03
C LEU A 3 42.20 21.43 51.77
N GLU A 4 42.67 20.22 51.46
CA GLU A 4 42.12 19.48 50.32
C GLU A 4 40.67 19.11 50.56
N LYS A 5 40.35 18.60 51.76
CA LYS A 5 38.97 18.21 52.05
C LYS A 5 38.05 19.42 52.13
N VAL A 6 38.56 20.54 52.65
CA VAL A 6 37.81 21.79 52.63
C VAL A 6 37.63 22.28 51.19
N GLU A 7 38.70 22.24 50.40
CA GLU A 7 38.59 22.57 48.98
C GLU A 7 37.64 21.63 48.28
N LEU A 8 37.55 20.39 48.76
CA LEU A 8 36.72 19.37 48.13
C LEU A 8 35.27 19.81 48.04
N THR A 9 34.77 20.49 49.08
CA THR A 9 33.37 20.89 49.09
C THR A 9 33.06 21.90 47.98
N GLU A 10 33.90 22.92 47.84
CA GLU A 10 33.65 23.94 46.81
C GLU A 10 33.90 23.38 45.41
N ASP A 11 34.86 22.46 45.28
CA ASP A 11 35.04 21.77 44.02
C ASP A 11 33.78 20.99 43.66
N ASN A 12 33.18 20.33 44.66
CA ASN A 12 31.91 19.66 44.45
C ASN A 12 30.84 20.66 44.06
N ALA A 13 30.85 21.85 44.66
CA ALA A 13 29.85 22.86 44.34
C ALA A 13 29.92 23.25 42.87
N SER A 14 31.14 23.50 42.38
CA SER A 14 31.31 23.83 40.96
C SER A 14 30.91 22.66 40.06
N ARG A 15 31.27 21.45 40.47
CA ARG A 15 30.91 20.26 39.70
C ARG A 15 29.39 20.11 39.62
N LEU A 16 28.71 20.39 40.73
CA LEU A 16 27.25 20.37 40.73
C LEU A 16 26.67 21.47 39.87
N GLU A 17 27.29 22.63 39.83
CA GLU A 17 26.83 23.66 38.91
C GLU A 17 26.86 23.15 37.48
N GLU A 18 27.98 22.53 37.10
CA GLU A 18 28.11 22.00 35.74
C GLU A 18 27.10 20.89 35.47
N PHE A 19 26.95 19.96 36.43
CA PHE A 19 26.02 18.85 36.25
C PHE A 19 24.59 19.34 36.17
N SER A 20 24.22 20.33 37.00
CA SER A 20 22.89 20.89 36.93
C SER A 20 22.64 21.56 35.58
N LYS A 21 23.63 22.31 35.11
CA LYS A 21 23.61 22.90 33.77
C LYS A 21 23.20 21.84 32.75
N GLU A 22 24.05 20.81 32.63
CA GLU A 22 23.87 19.80 31.60
C GLU A 22 22.56 19.04 31.79
N TRP A 23 22.22 18.73 33.05
CA TRP A 23 21.07 17.88 33.33
C TRP A 23 19.77 18.60 33.03
N LYS A 24 19.66 19.87 33.42
CA LYS A 24 18.42 20.56 33.13
C LYS A 24 18.33 20.88 31.65
N ASP A 25 19.48 21.06 30.98
CA ASP A 25 19.47 21.17 29.52
C ASP A 25 18.85 19.91 28.90
N ALA A 26 19.35 18.75 29.29
CA ALA A 26 18.86 17.49 28.72
C ALA A 26 17.38 17.28 29.04
N SER A 27 16.99 17.57 30.29
CA SER A 27 15.61 17.38 30.69
C SER A 27 14.68 18.32 29.94
N ASP A 28 15.13 19.55 29.69
CA ASP A 28 14.34 20.48 28.89
C ASP A 28 14.19 19.97 27.46
N LYS A 29 15.26 19.40 26.91
CA LYS A 29 15.17 18.81 25.57
C LYS A 29 14.13 17.70 25.56
N TRP A 30 14.19 16.79 26.52
CA TRP A 30 13.26 15.67 26.55
C TRP A 30 11.83 16.16 26.76
N ASN A 31 11.64 17.18 27.60
CA ASN A 31 10.33 17.76 27.78
C ASN A 31 9.81 18.37 26.49
N ALA A 32 10.70 18.98 25.71
CA ALA A 32 10.30 19.44 24.38
C ALA A 32 9.84 18.29 23.51
N MET A 33 10.58 17.17 23.52
CA MET A 33 10.17 16.02 22.75
C MET A 33 8.92 15.34 23.29
N ALA A 34 8.52 15.63 24.54
CA ALA A 34 7.40 14.91 25.14
C ALA A 34 6.12 15.11 24.34
N ALA A 35 5.74 16.35 24.08
CA ALA A 35 4.59 16.62 23.22
C ALA A 35 4.93 16.47 21.75
N VAL A 36 6.22 16.40 21.41
CA VAL A 36 6.67 16.28 20.03
C VAL A 36 6.87 14.82 19.66
N LYS A 37 7.80 14.14 20.34
CA LYS A 37 8.05 12.73 20.03
C LYS A 37 8.18 11.82 21.25
N ALA A 38 8.61 12.32 22.41
CA ALA A 38 8.88 11.43 23.53
C ALA A 38 7.60 10.81 24.08
N GLU A 39 6.53 11.61 24.20
CA GLU A 39 5.26 11.14 24.74
C GLU A 39 5.45 10.48 26.10
N GLN A 40 6.24 11.15 26.95
CA GLN A 40 6.50 10.63 28.29
C GLN A 40 5.22 10.54 29.11
N THR A 41 4.33 11.51 28.96
CA THR A 41 3.07 11.51 29.70
C THR A 41 2.19 10.35 29.22
N LYS A 42 1.29 9.93 30.10
CA LYS A 42 0.37 8.85 29.77
C LYS A 42 -0.69 9.34 28.78
N ASP A 43 -1.37 8.39 28.15
CA ASP A 43 -2.40 8.69 27.17
C ASP A 43 -3.80 8.60 27.75
N GLY A 44 -4.17 7.43 28.28
CA GLY A 44 -5.50 7.22 28.80
C GLY A 44 -6.49 6.84 27.71
N LYS A 45 -7.27 5.79 27.97
CA LYS A 45 -8.32 5.32 27.07
C LYS A 45 -7.86 5.24 25.64
N HIS A 46 -8.53 6.00 24.77
CA HIS A 46 -8.27 6.01 23.34
C HIS A 46 -7.46 7.20 22.87
N TYR A 47 -7.42 8.28 23.65
CA TYR A 47 -6.66 9.45 23.23
C TYR A 47 -5.19 9.09 23.07
N VAL A 48 -4.60 9.51 21.96
CA VAL A 48 -3.21 9.20 21.65
C VAL A 48 -2.76 10.14 20.55
N ALA A 49 -1.54 10.65 20.69
CA ALA A 49 -0.97 11.55 19.70
C ALA A 49 0.54 11.41 19.74
N GLY A 50 1.14 11.13 18.60
CA GLY A 50 2.58 10.96 18.54
C GLY A 50 3.00 9.55 18.19
N ILE A 51 3.95 8.99 18.93
CA ILE A 51 4.53 7.69 18.64
C ILE A 51 4.61 6.89 19.93
N GLY A 52 4.70 5.57 19.77
CA GLY A 52 4.96 4.69 20.89
C GLY A 52 4.63 3.25 20.57
N LEU A 53 5.52 2.32 20.93
CA LEU A 53 5.34 0.91 20.66
C LEU A 53 4.95 0.26 21.98
N SER A 54 3.66 -0.02 22.13
CA SER A 54 3.14 -0.54 23.38
C SER A 54 2.93 -2.05 23.25
N MET A 55 3.70 -2.83 23.99
CA MET A 55 3.54 -4.28 24.04
C MET A 55 2.60 -4.58 25.21
N GLU A 56 1.32 -4.42 24.95
CA GLU A 56 0.30 -4.60 25.98
C GLU A 56 0.12 -6.07 26.34
N ASP A 57 -0.16 -6.31 27.61
CA ASP A 57 -0.53 -7.64 28.06
C ASP A 57 -1.97 -7.93 27.69
N THR A 58 -2.23 -9.19 27.36
CA THR A 58 -3.56 -9.68 27.00
C THR A 58 -3.76 -11.04 27.65
N GLU A 59 -5.00 -11.51 27.64
CA GLU A 59 -5.27 -12.85 28.16
C GLU A 59 -4.49 -13.91 27.37
N GLU A 60 -4.21 -13.64 26.10
CA GLU A 60 -3.42 -14.52 25.27
C GLU A 60 -1.93 -14.22 25.33
N GLY A 61 -1.52 -13.22 26.11
CA GLY A 61 -0.12 -12.96 26.31
C GLY A 61 0.38 -11.63 25.78
N LYS A 62 1.20 -11.66 24.74
CA LYS A 62 1.82 -10.46 24.22
C LYS A 62 0.94 -9.84 23.15
N LEU A 63 0.94 -8.50 23.09
CA LEU A 63 0.27 -7.81 21.99
C LEU A 63 1.03 -6.50 21.76
N SER A 64 2.00 -6.54 20.86
CA SER A 64 2.65 -5.29 20.47
C SER A 64 1.73 -4.49 19.57
N GLN A 65 1.82 -3.17 19.69
CA GLN A 65 0.94 -2.29 18.96
C GLN A 65 1.67 -1.00 18.68
N PHE A 66 1.43 -0.45 17.50
CA PHE A 66 2.10 0.76 17.04
C PHE A 66 1.06 1.67 16.40
N LEU A 67 1.19 2.98 16.62
CA LEU A 67 0.21 3.93 16.12
C LEU A 67 0.88 5.21 15.68
N VAL A 68 0.58 5.64 14.44
CA VAL A 68 1.11 6.86 13.85
C VAL A 68 -0.06 7.75 13.46
N ALA A 69 -0.01 9.02 13.86
CA ALA A 69 -1.09 9.93 13.53
C ALA A 69 -1.14 10.24 12.04
N ALA A 70 0.00 10.59 11.46
CA ALA A 70 0.08 10.97 10.04
C ALA A 70 1.54 11.03 9.63
N ASN A 71 1.85 10.58 8.42
CA ASN A 71 3.23 10.49 7.99
C ASN A 71 3.30 10.50 6.47
N ARG A 72 4.51 10.28 5.95
CA ARG A 72 4.75 10.13 4.51
C ARG A 72 6.10 9.45 4.35
N ILE A 73 6.10 8.24 3.80
CA ILE A 73 7.27 7.36 3.85
C ILE A 73 8.06 7.47 2.56
N ALA A 74 9.32 7.03 2.63
CA ALA A 74 10.19 6.96 1.46
C ALA A 74 10.11 5.57 0.84
N ALA A 75 11.00 5.27 -0.10
CA ALA A 75 10.92 4.07 -0.92
C ALA A 75 12.28 3.38 -0.99
N ILE A 76 12.56 2.48 -0.05
CA ILE A 76 13.73 1.60 -0.10
C ILE A 76 13.35 0.25 0.46
N ASP A 77 13.36 -0.76 -0.39
CA ASP A 77 13.00 -2.11 0.03
C ASP A 77 14.09 -2.69 0.93
N PRO A 78 13.75 -3.75 1.70
CA PRO A 78 14.78 -4.46 2.46
C PRO A 78 15.99 -4.81 1.62
N ALA A 79 15.81 -5.54 0.52
CA ALA A 79 16.75 -5.58 -0.61
C ALA A 79 18.20 -5.42 -0.18
N ASN A 80 18.60 -6.20 0.83
CA ASN A 80 19.92 -6.00 1.42
C ASN A 80 21.02 -6.15 0.38
N GLY A 81 21.95 -5.20 0.39
CA GLY A 81 22.94 -5.11 -0.66
C GLY A 81 22.48 -4.46 -1.94
N ASN A 82 21.28 -3.88 -1.95
CA ASN A 82 20.76 -3.24 -3.16
C ASN A 82 19.88 -2.06 -2.76
N GLU A 83 19.88 -1.03 -3.60
CA GLU A 83 18.99 0.11 -3.43
C GLU A 83 17.78 -0.08 -4.33
N THR A 84 16.60 -0.09 -3.74
CA THR A 84 15.36 -0.36 -4.45
C THR A 84 14.33 0.71 -4.15
N PRO A 85 14.21 1.73 -5.02
CA PRO A 85 13.18 2.75 -4.81
C PRO A 85 11.78 2.23 -5.13
N MET A 86 11.19 1.49 -4.19
CA MET A 86 9.88 0.88 -4.37
C MET A 86 8.93 1.38 -3.28
N PHE A 87 7.66 1.59 -3.66
CA PHE A 87 6.65 2.18 -2.80
C PHE A 87 7.02 3.62 -2.44
N VAL A 88 7.15 4.45 -3.47
CA VAL A 88 7.33 5.88 -3.26
C VAL A 88 6.03 6.49 -2.73
N ALA A 89 4.89 5.87 -3.03
CA ALA A 89 3.57 6.40 -2.67
C ALA A 89 3.38 7.79 -3.25
N GLN A 90 3.89 8.01 -4.46
CA GLN A 90 3.72 9.27 -5.17
C GLN A 90 2.58 9.13 -6.16
N GLY A 91 1.73 10.16 -6.23
CA GLY A 91 0.54 10.08 -7.05
C GLY A 91 -0.37 8.92 -6.68
N ASN A 92 -0.33 8.48 -5.42
CA ASN A 92 -1.10 7.34 -4.96
C ASN A 92 -0.77 6.07 -5.76
N GLN A 93 0.53 5.83 -5.94
CA GLN A 93 1.01 4.72 -6.73
C GLN A 93 1.96 3.87 -5.89
N ILE A 94 1.84 2.55 -6.03
CA ILE A 94 2.69 1.63 -5.28
C ILE A 94 3.36 0.62 -6.21
N PHE A 95 2.58 0.07 -7.16
CA PHE A 95 2.84 -1.10 -8.01
C PHE A 95 2.25 -2.36 -7.39
N MET A 96 1.39 -3.04 -8.15
CA MET A 96 0.65 -4.19 -7.67
C MET A 96 1.17 -5.47 -8.29
N ASN A 97 1.35 -6.49 -7.46
CA ASN A 97 1.74 -7.82 -7.90
C ASN A 97 0.51 -8.68 -8.14
N ASP A 98 0.70 -9.99 -8.23
CA ASP A 98 -0.41 -10.92 -8.33
C ASP A 98 -1.32 -10.77 -7.12
N VAL A 99 -2.63 -10.70 -7.38
CA VAL A 99 -3.59 -10.48 -6.31
C VAL A 99 -4.97 -10.86 -6.82
N PHE A 100 -5.85 -11.24 -5.89
CA PHE A 100 -7.25 -11.47 -6.22
C PHE A 100 -7.96 -10.13 -6.44
N LEU A 101 -9.27 -10.19 -6.56
CA LEU A 101 -10.08 -8.98 -6.67
C LEU A 101 -11.52 -9.31 -6.35
N LYS A 102 -12.25 -8.32 -5.86
CA LYS A 102 -13.68 -8.44 -5.65
C LYS A 102 -14.47 -7.39 -6.41
N ARG A 103 -14.08 -6.12 -6.30
CA ARG A 103 -14.76 -5.03 -6.99
C ARG A 103 -13.74 -4.22 -7.78
N LEU A 104 -14.06 -3.93 -9.03
CA LEU A 104 -13.16 -3.25 -9.93
C LEU A 104 -13.90 -2.11 -10.62
N THR A 105 -13.15 -1.08 -11.00
CA THR A 105 -13.70 0.07 -11.70
C THR A 105 -12.58 0.68 -12.53
N ALA A 106 -12.55 0.37 -13.83
CA ALA A 106 -11.45 0.77 -14.71
C ALA A 106 -11.96 0.91 -16.13
N PRO A 107 -12.24 2.14 -16.59
CA PRO A 107 -12.60 2.33 -17.99
C PRO A 107 -11.51 1.89 -18.96
N THR A 108 -10.25 1.90 -18.56
CA THR A 108 -9.14 1.56 -19.44
C THR A 108 -8.44 0.31 -18.94
N ILE A 109 -8.33 -0.69 -19.82
CA ILE A 109 -7.67 -1.95 -19.51
C ILE A 109 -6.86 -2.38 -20.73
N THR A 110 -5.65 -2.87 -20.49
CA THR A 110 -4.70 -3.23 -21.53
C THR A 110 -4.47 -4.74 -21.46
N SER A 111 -3.69 -5.26 -22.41
CA SER A 111 -3.43 -6.68 -22.58
C SER A 111 -2.20 -7.18 -21.83
N GLY A 112 -1.53 -6.31 -21.07
CA GLY A 112 -0.32 -6.73 -20.37
C GLY A 112 0.84 -7.05 -21.26
N GLY A 113 1.06 -6.27 -22.31
CA GLY A 113 2.14 -6.50 -23.25
C GLY A 113 2.58 -5.18 -23.87
N ASN A 114 3.52 -5.29 -24.82
CA ASN A 114 4.04 -4.08 -25.47
C ASN A 114 2.93 -3.32 -26.20
N PRO A 115 2.13 -3.94 -27.08
CA PRO A 115 0.86 -3.34 -27.45
C PRO A 115 -0.27 -3.96 -26.65
N PRO A 116 -1.44 -3.32 -26.62
CA PRO A 116 -2.65 -4.02 -26.15
C PRO A 116 -3.23 -4.90 -27.25
N ALA A 117 -3.04 -6.23 -27.10
CA ALA A 117 -3.63 -7.17 -28.05
C ALA A 117 -5.15 -7.21 -27.89
N PHE A 118 -5.62 -7.34 -26.66
CA PHE A 118 -7.03 -7.16 -26.31
C PHE A 118 -7.14 -5.95 -25.38
N SER A 119 -8.06 -5.05 -25.71
CA SER A 119 -8.12 -3.77 -25.02
C SER A 119 -9.55 -3.44 -24.62
N LEU A 120 -9.71 -2.86 -23.44
CA LEU A 120 -10.97 -2.29 -22.99
C LEU A 120 -10.77 -0.79 -22.85
N THR A 121 -11.71 -0.03 -23.39
CA THR A 121 -11.61 1.42 -23.41
C THR A 121 -12.89 2.02 -22.88
N PRO A 122 -12.86 3.28 -22.44
CA PRO A 122 -14.13 3.98 -22.16
C PRO A 122 -15.08 3.98 -23.34
N ASP A 123 -14.56 3.81 -24.56
CA ASP A 123 -15.41 3.55 -25.71
C ASP A 123 -16.08 2.18 -25.64
N GLY A 124 -15.58 1.27 -24.82
CA GLY A 124 -16.22 -0.01 -24.59
C GLY A 124 -15.91 -1.09 -25.59
N LYS A 125 -14.93 -0.90 -26.48
CA LYS A 125 -14.65 -1.87 -27.52
C LYS A 125 -13.81 -3.03 -26.99
N LEU A 126 -13.59 -4.01 -27.85
CA LEU A 126 -12.83 -5.22 -27.53
C LEU A 126 -12.31 -5.81 -28.82
N THR A 127 -11.00 -5.73 -29.01
CA THR A 127 -10.34 -6.38 -30.15
C THR A 127 -9.80 -7.71 -29.65
N ALA A 128 -10.71 -8.66 -29.43
CA ALA A 128 -10.35 -9.98 -28.96
C ALA A 128 -10.11 -10.89 -30.15
N LYS A 129 -9.79 -12.15 -29.86
CA LYS A 129 -9.54 -13.13 -30.90
C LYS A 129 -10.41 -14.37 -30.76
N ASN A 130 -11.11 -14.53 -29.64
CA ASN A 130 -12.09 -15.59 -29.50
C ASN A 130 -13.10 -15.15 -28.46
N ALA A 131 -14.38 -15.20 -28.83
CA ALA A 131 -15.45 -14.83 -27.90
C ALA A 131 -16.59 -15.81 -28.15
N ASP A 132 -16.61 -16.89 -27.37
CA ASP A 132 -17.67 -17.88 -27.46
C ASP A 132 -18.74 -17.60 -26.42
N ILE A 133 -20.00 -17.67 -26.85
CA ILE A 133 -21.15 -17.32 -26.02
C ILE A 133 -22.14 -18.46 -26.04
N SER A 134 -22.50 -18.96 -24.86
CA SER A 134 -23.55 -19.94 -24.69
C SER A 134 -24.89 -19.30 -24.38
N GLY A 135 -24.96 -17.97 -24.41
CA GLY A 135 -26.20 -17.27 -24.15
C GLY A 135 -26.52 -16.26 -25.23
N SER A 136 -27.18 -15.18 -24.83
CA SER A 136 -27.68 -14.21 -25.79
C SER A 136 -26.54 -13.48 -26.48
N VAL A 137 -26.74 -13.14 -27.74
CA VAL A 137 -25.81 -12.33 -28.53
C VAL A 137 -26.61 -11.34 -29.36
N ASN A 138 -26.22 -10.07 -29.32
CA ASN A 138 -26.89 -9.03 -30.09
C ASN A 138 -25.83 -8.27 -30.87
N ALA A 139 -25.47 -8.78 -32.05
CA ALA A 139 -24.49 -8.14 -32.93
C ALA A 139 -25.26 -7.44 -34.04
N ASN A 140 -25.27 -6.11 -33.99
CA ASN A 140 -26.04 -5.35 -34.97
C ASN A 140 -25.35 -5.37 -36.34
N SER A 141 -24.15 -4.83 -36.42
CA SER A 141 -23.41 -4.70 -37.67
C SER A 141 -22.19 -5.60 -37.63
N GLY A 142 -22.08 -6.50 -38.60
CA GLY A 142 -20.96 -7.41 -38.55
C GLY A 142 -20.75 -8.18 -39.85
N THR A 143 -19.56 -8.76 -39.94
CA THR A 143 -19.17 -9.61 -41.06
C THR A 143 -18.84 -11.00 -40.53
N LEU A 144 -18.94 -11.98 -41.42
CA LEU A 144 -18.72 -13.39 -41.07
C LEU A 144 -17.94 -14.05 -42.21
N SER A 145 -16.73 -14.52 -41.91
CA SER A 145 -15.90 -15.07 -42.97
C SER A 145 -16.00 -16.59 -43.10
N ASN A 146 -15.46 -17.34 -42.13
CA ASN A 146 -15.53 -18.80 -42.15
C ASN A 146 -16.44 -19.27 -41.02
N VAL A 147 -17.74 -19.30 -41.28
CA VAL A 147 -18.73 -19.59 -40.25
C VAL A 147 -19.61 -20.75 -40.69
N THR A 148 -19.81 -21.68 -39.77
CA THR A 148 -20.85 -22.70 -39.89
C THR A 148 -22.02 -22.30 -39.01
N ILE A 149 -23.23 -22.49 -39.52
CA ILE A 149 -24.45 -22.05 -38.84
C ILE A 149 -25.18 -23.31 -38.37
N ALA A 150 -25.05 -23.62 -37.09
CA ALA A 150 -25.38 -24.93 -36.56
C ALA A 150 -26.82 -25.07 -36.08
N GLU A 151 -27.62 -24.01 -36.10
CA GLU A 151 -29.01 -24.09 -35.64
C GLU A 151 -29.83 -23.11 -36.48
N ASN A 152 -31.02 -22.79 -35.99
CA ASN A 152 -31.99 -22.04 -36.78
C ASN A 152 -31.44 -20.69 -37.22
N CYS A 153 -31.91 -20.23 -38.38
CA CYS A 153 -31.59 -18.89 -38.88
C CYS A 153 -32.78 -18.41 -39.72
N THR A 154 -33.35 -17.27 -39.36
CA THR A 154 -34.47 -16.71 -40.10
C THR A 154 -34.19 -15.25 -40.47
N ILE A 155 -34.52 -14.88 -41.70
CA ILE A 155 -34.32 -13.54 -42.22
C ILE A 155 -35.69 -12.97 -42.60
N ASN A 156 -36.00 -11.79 -42.08
CA ASN A 156 -37.09 -10.99 -42.59
C ASN A 156 -36.63 -9.85 -43.48
N GLY A 157 -35.33 -9.59 -43.53
CA GLY A 157 -34.75 -8.57 -44.37
C GLY A 157 -34.33 -9.10 -45.73
N THR A 158 -33.59 -8.28 -46.46
CA THR A 158 -33.16 -8.67 -47.80
C THR A 158 -32.07 -9.75 -47.72
N LEU A 159 -32.07 -10.62 -48.74
CA LEU A 159 -31.15 -11.74 -48.79
C LEU A 159 -30.44 -11.72 -50.14
N ARG A 160 -29.13 -11.51 -50.11
CA ARG A 160 -28.28 -11.39 -51.28
C ARG A 160 -27.10 -12.37 -51.17
N ALA A 161 -27.43 -13.64 -50.95
CA ALA A 161 -26.42 -14.68 -50.83
C ALA A 161 -25.63 -14.82 -52.11
N GLU A 162 -24.32 -15.07 -51.98
CA GLU A 162 -23.48 -15.25 -53.16
C GLU A 162 -23.89 -16.51 -53.92
N LYS A 163 -24.17 -17.59 -53.20
CA LYS A 163 -24.60 -18.82 -53.84
C LYS A 163 -25.50 -19.60 -52.91
N ILE A 164 -26.31 -20.49 -53.49
CA ILE A 164 -27.23 -21.35 -52.76
C ILE A 164 -26.93 -22.78 -53.12
N VAL A 165 -26.70 -23.61 -52.11
CA VAL A 165 -26.42 -25.03 -52.30
C VAL A 165 -27.42 -25.83 -51.49
N GLY A 166 -28.10 -26.77 -52.15
CA GLY A 166 -29.10 -27.60 -51.51
C GLY A 166 -29.84 -28.49 -52.48
N GLU B 1 31.90 17.93 67.30
CA GLU B 1 31.00 17.58 66.19
C GLU B 1 31.55 18.08 64.87
N LEU B 2 32.85 18.39 64.85
CA LEU B 2 33.52 18.73 63.59
C LEU B 2 33.51 17.54 62.65
N LEU B 3 33.85 16.37 63.19
CA LEU B 3 33.97 15.11 62.48
C LEU B 3 32.83 14.86 61.50
N GLU B 4 31.73 15.55 61.70
CA GLU B 4 30.58 15.20 60.84
C GLU B 4 30.75 15.77 59.43
N LYS B 5 30.82 17.07 59.32
CA LYS B 5 30.80 17.69 57.99
C LYS B 5 31.74 17.01 57.01
N VAL B 6 33.00 16.75 57.37
CA VAL B 6 34.02 16.16 56.44
C VAL B 6 33.55 14.77 55.94
N GLU B 7 33.11 13.86 56.82
CA GLU B 7 32.55 12.54 56.43
C GLU B 7 31.45 12.81 55.42
N LEU B 8 30.66 13.83 55.70
CA LEU B 8 29.64 14.25 54.72
C LEU B 8 30.41 14.64 53.46
N THR B 9 31.29 15.63 53.53
CA THR B 9 31.96 16.05 52.28
C THR B 9 32.29 14.82 51.47
N GLU B 10 32.75 13.75 52.14
CA GLU B 10 33.12 12.49 51.43
C GLU B 10 31.87 11.83 50.89
N ASP B 11 30.87 11.64 51.74
CA ASP B 11 29.60 11.05 51.27
C ASP B 11 29.18 11.78 49.98
N ASN B 12 29.70 12.99 49.77
CA ASN B 12 29.37 13.72 48.55
C ASN B 12 30.37 13.38 47.45
N ALA B 13 31.65 13.66 47.70
CA ALA B 13 32.67 13.45 46.69
C ALA B 13 32.63 12.03 46.14
N SER B 14 32.45 11.05 47.02
CA SER B 14 32.40 9.66 46.60
C SER B 14 31.20 9.39 45.70
N ARG B 15 30.05 9.99 46.00
CA ARG B 15 28.89 9.73 45.16
C ARG B 15 29.00 10.47 43.82
N LEU B 16 29.74 11.58 43.78
CA LEU B 16 29.82 12.33 42.52
C LEU B 16 30.53 11.57 41.41
N GLU B 17 31.61 10.85 41.72
CA GLU B 17 32.28 10.15 40.61
C GLU B 17 31.39 9.07 40.00
N GLU B 18 30.70 8.31 40.86
CA GLU B 18 29.83 7.27 40.32
C GLU B 18 28.65 7.86 39.57
N PHE B 19 28.07 8.96 40.07
CA PHE B 19 27.00 9.59 39.31
C PHE B 19 27.52 10.12 37.99
N SER B 20 28.75 10.63 37.99
CA SER B 20 29.37 11.14 36.77
C SER B 20 29.53 10.01 35.76
N LYS B 21 29.95 8.84 36.23
CA LYS B 21 30.08 7.69 35.34
C LYS B 21 28.73 7.29 34.76
N GLU B 22 27.69 7.28 35.60
CA GLU B 22 26.35 6.94 35.12
C GLU B 22 25.85 7.94 34.09
N TRP B 23 26.03 9.23 34.37
CA TRP B 23 25.58 10.27 33.45
C TRP B 23 26.39 10.27 32.16
N LYS B 24 27.68 9.94 32.25
CA LYS B 24 28.50 9.81 31.06
C LYS B 24 28.00 8.65 30.20
N ASP B 25 27.66 7.53 30.84
CA ASP B 25 27.10 6.41 30.10
C ASP B 25 25.80 6.82 29.41
N ALA B 26 24.94 7.54 30.13
CA ALA B 26 23.68 7.99 29.56
C ALA B 26 23.91 8.94 28.39
N SER B 27 24.88 9.85 28.52
CA SER B 27 25.17 10.80 27.46
C SER B 27 25.72 10.09 26.23
N ASP B 28 26.58 9.10 26.44
CA ASP B 28 27.07 8.32 25.31
C ASP B 28 25.93 7.58 24.63
N LYS B 29 25.01 7.01 25.41
CA LYS B 29 23.87 6.32 24.83
C LYS B 29 23.01 7.28 24.03
N TRP B 30 22.79 8.49 24.55
CA TRP B 30 22.08 9.49 23.77
C TRP B 30 22.83 9.82 22.50
N ASN B 31 24.16 9.93 22.57
CA ASN B 31 24.94 10.11 21.35
C ASN B 31 24.72 8.97 20.38
N ALA B 32 24.42 7.77 20.88
CA ALA B 32 24.14 6.65 20.00
C ALA B 32 22.79 6.82 19.32
N MET B 33 21.70 6.84 20.10
CA MET B 33 20.37 6.90 19.49
C MET B 33 20.11 8.21 18.76
N ALA B 34 20.87 9.28 19.06
CA ALA B 34 20.69 10.53 18.34
C ALA B 34 21.04 10.38 16.87
N ALA B 35 22.21 9.81 16.57
CA ALA B 35 22.53 9.48 15.19
C ALA B 35 21.60 8.40 14.65
N VAL B 36 20.92 7.68 15.53
CA VAL B 36 19.97 6.66 15.12
C VAL B 36 18.61 7.30 14.89
N LYS B 37 18.03 7.91 15.93
CA LYS B 37 16.69 8.48 15.83
C LYS B 37 16.67 9.99 15.97
N ALA B 38 17.18 10.54 17.07
CA ALA B 38 16.98 11.94 17.42
C ALA B 38 18.23 12.73 17.05
N GLU B 39 18.39 12.99 15.75
CA GLU B 39 19.52 13.79 15.31
C GLU B 39 19.43 15.23 15.77
N GLN B 40 18.28 15.65 16.30
CA GLN B 40 18.05 16.99 16.88
C GLN B 40 18.62 18.10 16.00
N THR B 41 18.63 17.88 14.69
CA THR B 41 19.07 18.86 13.72
C THR B 41 17.84 19.53 13.12
N LYS B 42 17.69 20.82 13.36
CA LYS B 42 16.50 21.56 12.97
C LYS B 42 16.79 22.31 11.68
N ASP B 43 16.53 21.65 10.55
CA ASP B 43 16.70 22.22 9.23
C ASP B 43 16.07 21.31 8.19
N GLY B 44 15.80 21.86 7.02
CA GLY B 44 15.27 21.10 5.92
C GLY B 44 16.31 20.84 4.85
N LYS B 45 17.58 20.87 5.25
CA LYS B 45 18.69 20.77 4.31
C LYS B 45 19.05 19.33 3.98
N HIS B 46 18.84 18.39 4.91
CA HIS B 46 19.12 16.98 4.66
C HIS B 46 17.85 16.15 4.69
N TYR B 47 16.70 16.76 4.40
CA TYR B 47 15.39 16.12 4.44
C TYR B 47 15.05 15.57 5.82
N VAL B 48 15.81 15.95 6.85
CA VAL B 48 15.64 15.43 8.20
C VAL B 48 15.68 13.91 8.13
N ALA B 49 16.81 13.36 7.71
CA ALA B 49 16.92 11.91 7.56
C ALA B 49 16.83 11.22 8.91
N GLY B 50 16.51 9.93 8.87
CA GLY B 50 16.36 9.16 10.09
C GLY B 50 14.91 9.09 10.53
N ILE B 51 14.53 9.95 11.47
CA ILE B 51 13.17 10.00 11.97
C ILE B 51 12.88 11.41 12.49
N GLY B 52 11.62 11.81 12.39
CA GLY B 52 11.20 13.07 12.96
C GLY B 52 9.69 13.13 13.13
N LEU B 53 9.21 13.78 14.19
CA LEU B 53 7.78 13.88 14.43
C LEU B 53 7.47 15.36 14.70
N SER B 54 7.20 16.10 13.64
CA SER B 54 7.03 17.55 13.72
C SER B 54 5.56 17.88 13.93
N MET B 55 5.26 18.53 15.05
CA MET B 55 3.92 19.07 15.30
C MET B 55 3.91 20.52 14.80
N GLU B 56 3.97 20.66 13.48
CA GLU B 56 4.31 21.94 12.88
C GLU B 56 3.10 22.86 12.83
N ASP B 57 3.32 24.14 13.15
CA ASP B 57 2.27 25.13 13.17
C ASP B 57 2.39 26.04 11.96
N THR B 58 1.31 26.11 11.18
CA THR B 58 1.16 27.07 10.09
C THR B 58 0.17 28.15 10.52
N GLU B 59 -0.07 29.09 9.61
CA GLU B 59 -1.13 30.07 9.85
C GLU B 59 -2.48 29.39 9.98
N GLU B 60 -2.64 28.22 9.35
CA GLU B 60 -3.82 27.40 9.58
C GLU B 60 -3.91 26.98 11.03
N GLY B 61 -2.79 26.57 11.62
CA GLY B 61 -2.78 26.14 13.00
C GLY B 61 -1.83 24.97 13.20
N LYS B 62 -2.05 24.21 14.27
CA LYS B 62 -1.21 23.04 14.55
C LYS B 62 -1.57 21.92 13.61
N LEU B 63 -0.56 21.29 13.02
CA LEU B 63 -0.73 20.24 12.04
C LEU B 63 0.38 19.22 12.26
N SER B 64 0.00 17.96 12.44
CA SER B 64 0.97 16.93 12.72
C SER B 64 1.68 16.47 11.45
N GLN B 65 2.85 15.88 11.64
CA GLN B 65 3.62 15.34 10.53
C GLN B 65 4.65 14.37 11.08
N PHE B 66 4.86 13.26 10.37
CA PHE B 66 5.88 12.29 10.74
C PHE B 66 6.73 12.00 9.51
N LEU B 67 8.03 12.26 9.62
CA LEU B 67 8.94 12.17 8.48
C LEU B 67 9.96 11.06 8.71
N VAL B 68 10.08 10.17 7.72
CA VAL B 68 11.09 9.12 7.69
C VAL B 68 11.54 8.97 6.25
N ALA B 69 12.85 9.04 6.00
CA ALA B 69 13.39 8.66 4.71
C ALA B 69 14.25 7.43 4.89
N ALA B 70 13.57 6.30 5.10
CA ALA B 70 14.08 4.94 4.96
C ALA B 70 12.88 4.02 5.03
N ASN B 71 12.56 3.30 3.97
CA ASN B 71 11.29 2.56 3.99
C ASN B 71 11.46 1.28 4.82
N ARG B 72 12.20 0.33 4.28
CA ARG B 72 12.70 -0.86 4.98
C ARG B 72 11.64 -1.46 5.92
N ILE B 73 10.44 -1.69 5.38
CA ILE B 73 9.30 -2.02 6.23
C ILE B 73 8.95 -3.50 6.11
N ALA B 74 8.33 -4.01 7.18
CA ALA B 74 7.69 -5.33 7.16
C ALA B 74 6.62 -5.29 8.25
N ALA B 75 5.38 -5.09 7.85
CA ALA B 75 4.29 -4.81 8.78
C ALA B 75 3.39 -6.01 9.01
N ILE B 76 2.66 -5.95 10.12
CA ILE B 76 1.66 -6.96 10.49
C ILE B 76 0.47 -6.24 11.09
N ASP B 77 -0.75 -6.70 10.73
CA ASP B 77 -1.91 -6.03 11.30
C ASP B 77 -2.23 -6.57 12.70
N PRO B 78 -2.58 -5.69 13.63
CA PRO B 78 -2.89 -6.11 15.00
C PRO B 78 -4.36 -6.32 15.32
N ALA B 79 -5.26 -6.15 14.36
CA ALA B 79 -6.68 -6.25 14.63
C ALA B 79 -7.05 -7.60 15.19
N ASN B 80 -7.89 -7.60 16.23
CA ASN B 80 -8.30 -8.82 16.95
C ASN B 80 -7.10 -9.58 17.50
N GLY B 81 -6.00 -8.89 17.75
CA GLY B 81 -4.78 -9.58 18.13
C GLY B 81 -4.26 -10.50 17.06
N ASN B 82 -4.31 -10.05 15.80
CA ASN B 82 -3.93 -10.89 14.67
C ASN B 82 -2.44 -10.74 14.37
N GLU B 83 -1.92 -11.69 13.60
CA GLU B 83 -0.49 -11.79 13.32
C GLU B 83 -0.24 -12.03 11.83
N THR B 84 -0.88 -11.22 10.98
CA THR B 84 -0.77 -11.40 9.54
C THR B 84 0.14 -10.34 8.93
N PRO B 85 1.27 -10.73 8.33
CA PRO B 85 2.10 -9.75 7.62
C PRO B 85 1.43 -9.31 6.33
N MET B 86 1.81 -8.12 5.86
CA MET B 86 1.13 -7.53 4.72
C MET B 86 2.05 -6.91 3.67
N PHE B 87 3.32 -6.69 3.95
CA PHE B 87 4.16 -6.00 2.97
C PHE B 87 5.44 -6.75 2.64
N VAL B 88 5.33 -8.03 2.29
CA VAL B 88 6.46 -8.69 1.66
C VAL B 88 6.82 -7.92 0.40
N ALA B 89 8.12 -7.78 0.13
CA ALA B 89 8.61 -6.89 -0.91
C ALA B 89 8.12 -7.26 -2.31
N GLN B 90 7.35 -8.34 -2.42
CA GLN B 90 6.74 -8.71 -3.70
C GLN B 90 5.44 -7.96 -3.93
N GLY B 91 5.49 -6.63 -3.78
CA GLY B 91 4.41 -5.74 -4.16
C GLY B 91 3.07 -5.95 -3.50
N ASN B 92 3.05 -6.08 -2.17
CA ASN B 92 1.83 -6.19 -1.38
C ASN B 92 1.13 -7.53 -1.58
N GLN B 93 0.60 -8.12 -0.51
CA GLN B 93 -0.37 -9.20 -0.68
C GLN B 93 -1.25 -9.28 0.58
N ILE B 94 -2.43 -8.65 0.50
CA ILE B 94 -3.51 -8.99 1.41
C ILE B 94 -4.76 -9.32 0.60
N PHE B 95 -5.29 -8.33 -0.12
CA PHE B 95 -6.40 -8.44 -1.04
C PHE B 95 -6.67 -7.05 -1.60
N MET B 96 -7.25 -6.97 -2.78
CA MET B 96 -7.65 -5.69 -3.36
C MET B 96 -9.16 -5.53 -3.19
N ASN B 97 -9.55 -4.58 -2.35
CA ASN B 97 -10.96 -4.25 -2.15
C ASN B 97 -11.43 -3.39 -3.31
N ASP B 98 -12.58 -2.74 -3.15
CA ASP B 98 -13.09 -1.85 -4.17
C ASP B 98 -12.02 -0.83 -4.56
N VAL B 99 -11.75 -0.73 -5.86
CA VAL B 99 -10.72 0.15 -6.37
C VAL B 99 -11.25 0.89 -7.59
N PHE B 100 -11.01 2.20 -7.63
CA PHE B 100 -11.26 3.00 -8.81
C PHE B 100 -9.98 3.07 -9.63
N LEU B 101 -10.11 2.97 -10.95
CA LEU B 101 -8.95 2.91 -11.81
C LEU B 101 -9.21 3.69 -13.09
N LYS B 102 -8.11 4.14 -13.71
CA LYS B 102 -8.15 4.71 -15.05
C LYS B 102 -7.04 4.20 -15.95
N ARG B 103 -6.10 3.41 -15.45
CA ARG B 103 -5.12 2.75 -16.30
C ARG B 103 -4.80 1.39 -15.70
N LEU B 104 -4.91 0.35 -16.51
CA LEU B 104 -4.56 -1.00 -16.10
C LEU B 104 -3.78 -1.66 -17.23
N THR B 105 -2.96 -2.65 -16.87
CA THR B 105 -2.22 -3.43 -17.86
C THR B 105 -1.94 -4.79 -17.26
N ALA B 106 -2.64 -5.83 -17.75
CA ALA B 106 -2.58 -7.17 -17.17
C ALA B 106 -2.78 -8.25 -18.23
N PRO B 107 -1.88 -9.23 -18.32
CA PRO B 107 -2.08 -10.32 -19.28
C PRO B 107 -3.24 -11.24 -18.93
N THR B 108 -3.30 -11.71 -17.68
CA THR B 108 -4.22 -12.77 -17.28
C THR B 108 -5.33 -12.23 -16.41
N ILE B 109 -6.57 -12.59 -16.73
CA ILE B 109 -7.74 -12.30 -15.89
C ILE B 109 -8.55 -13.57 -15.76
N THR B 110 -8.95 -13.89 -14.54
CA THR B 110 -9.65 -15.14 -14.23
C THR B 110 -10.99 -14.83 -13.58
N SER B 111 -12.03 -15.57 -13.97
CA SER B 111 -13.33 -15.44 -13.30
C SER B 111 -13.29 -16.00 -11.89
N GLY B 112 -12.76 -17.22 -11.72
CA GLY B 112 -12.67 -17.81 -10.41
C GLY B 112 -13.02 -19.28 -10.33
N GLY B 113 -12.23 -20.03 -9.55
CA GLY B 113 -12.54 -21.45 -9.32
C GLY B 113 -11.69 -22.41 -10.12
N ASN B 114 -11.55 -23.64 -9.65
CA ASN B 114 -10.87 -24.69 -10.43
C ASN B 114 -11.19 -24.41 -11.90
N PRO B 115 -12.43 -24.09 -12.31
CA PRO B 115 -12.64 -23.43 -13.59
C PRO B 115 -13.27 -22.04 -13.62
N PRO B 116 -12.62 -21.01 -14.20
CA PRO B 116 -13.31 -19.72 -14.38
C PRO B 116 -14.30 -19.79 -15.54
N ALA B 117 -15.40 -19.05 -15.39
CA ALA B 117 -16.44 -19.05 -16.42
C ALA B 117 -16.11 -18.06 -17.53
N PHE B 118 -15.98 -16.79 -17.19
CA PHE B 118 -15.64 -15.73 -18.14
C PHE B 118 -14.21 -15.29 -17.85
N SER B 119 -13.29 -15.62 -18.75
CA SER B 119 -11.86 -15.41 -18.53
C SER B 119 -11.29 -14.52 -19.62
N LEU B 120 -10.08 -14.02 -19.38
CA LEU B 120 -9.37 -13.15 -20.30
C LEU B 120 -7.90 -13.59 -20.32
N THR B 121 -7.62 -14.54 -21.21
CA THR B 121 -6.27 -15.06 -21.36
C THR B 121 -5.36 -13.98 -21.95
N PRO B 122 -4.06 -14.01 -21.67
CA PRO B 122 -3.15 -13.11 -22.40
C PRO B 122 -3.17 -13.32 -23.90
N ASP B 123 -3.59 -14.51 -24.35
CA ASP B 123 -3.75 -14.79 -25.77
C ASP B 123 -4.88 -13.97 -26.38
N GLY B 124 -5.74 -13.37 -25.56
CA GLY B 124 -6.88 -12.64 -26.04
C GLY B 124 -8.17 -13.42 -26.06
N LYS B 125 -8.17 -14.65 -25.53
CA LYS B 125 -9.37 -15.45 -25.49
C LYS B 125 -10.41 -14.79 -24.58
N LEU B 126 -11.65 -15.22 -24.73
CA LEU B 126 -12.73 -14.73 -23.89
C LEU B 126 -13.90 -15.68 -24.00
N THR B 127 -14.39 -16.14 -22.85
CA THR B 127 -15.64 -16.86 -22.76
C THR B 127 -16.68 -15.94 -22.15
N ALA B 128 -17.90 -15.97 -22.68
CA ALA B 128 -18.92 -15.09 -22.14
C ALA B 128 -20.27 -15.76 -22.31
N LYS B 129 -21.24 -15.29 -21.53
CA LYS B 129 -22.63 -15.64 -21.75
C LYS B 129 -23.36 -14.61 -22.60
N ASN B 130 -22.65 -13.58 -23.06
CA ASN B 130 -23.26 -12.57 -23.90
C ASN B 130 -22.18 -11.87 -24.72
N ALA B 131 -22.62 -11.26 -25.83
CA ALA B 131 -21.83 -10.33 -26.61
C ALA B 131 -22.83 -9.35 -27.21
N ASP B 132 -22.93 -8.16 -26.61
CA ASP B 132 -23.82 -7.14 -27.13
C ASP B 132 -22.96 -6.08 -27.82
N ILE B 133 -23.19 -5.87 -29.12
CA ILE B 133 -22.45 -4.91 -29.91
C ILE B 133 -23.43 -3.91 -30.48
N SER B 134 -23.21 -2.63 -30.20
CA SER B 134 -23.96 -1.55 -30.83
C SER B 134 -23.23 -0.95 -32.02
N GLY B 135 -22.11 -1.57 -32.42
CA GLY B 135 -21.31 -1.06 -33.52
C GLY B 135 -20.72 -2.17 -34.35
N SER B 136 -19.46 -2.00 -34.74
CA SER B 136 -18.86 -2.87 -35.73
C SER B 136 -18.49 -4.23 -35.16
N VAL B 137 -18.58 -5.26 -36.01
CA VAL B 137 -18.10 -6.60 -35.71
C VAL B 137 -17.37 -7.14 -36.92
N ASN B 138 -16.10 -7.51 -36.71
CA ASN B 138 -15.30 -8.21 -37.72
C ASN B 138 -14.97 -9.59 -37.15
N ALA B 139 -15.71 -10.60 -37.58
CA ALA B 139 -15.50 -11.97 -37.14
C ALA B 139 -14.86 -12.78 -38.27
N ASN B 140 -14.02 -13.74 -37.89
CA ASN B 140 -13.24 -14.51 -38.85
C ASN B 140 -13.71 -15.95 -38.95
N SER B 141 -13.71 -16.69 -37.86
CA SER B 141 -14.22 -18.04 -37.84
C SER B 141 -15.53 -18.07 -37.07
N GLY B 142 -16.17 -19.23 -37.06
CA GLY B 142 -17.37 -19.35 -36.27
C GLY B 142 -18.09 -20.68 -36.36
N THR B 143 -18.58 -21.15 -35.21
CA THR B 143 -19.50 -22.28 -35.10
C THR B 143 -20.69 -21.71 -34.32
N LEU B 144 -21.72 -21.29 -35.03
CA LEU B 144 -22.78 -20.49 -34.46
C LEU B 144 -24.13 -21.18 -34.63
N SER B 145 -24.97 -21.11 -33.61
CA SER B 145 -26.28 -21.79 -33.63
C SER B 145 -27.37 -20.94 -34.30
N ASN B 146 -27.78 -19.87 -33.63
CA ASN B 146 -28.91 -19.07 -34.08
C ASN B 146 -28.42 -17.71 -34.53
N VAL B 147 -28.86 -17.30 -35.72
CA VAL B 147 -28.70 -15.91 -36.13
C VAL B 147 -30.06 -15.43 -36.62
N THR B 148 -30.80 -14.80 -35.72
CA THR B 148 -32.07 -14.18 -36.07
C THR B 148 -31.79 -12.95 -36.89
N ILE B 149 -32.45 -12.82 -38.04
CA ILE B 149 -32.22 -11.73 -38.97
C ILE B 149 -33.55 -11.14 -39.36
N ALA B 150 -33.59 -9.83 -39.57
CA ALA B 150 -34.80 -9.19 -40.09
C ALA B 150 -34.36 -7.94 -40.85
N GLU B 151 -33.06 -7.64 -40.83
CA GLU B 151 -32.52 -6.42 -41.48
C GLU B 151 -31.44 -6.77 -42.53
N ASN B 152 -31.04 -5.81 -43.40
CA ASN B 152 -30.06 -6.00 -44.51
C ASN B 152 -29.20 -7.26 -44.42
N CYS B 153 -29.29 -8.16 -45.42
CA CYS B 153 -28.46 -9.36 -45.41
C CYS B 153 -27.84 -9.54 -46.79
N THR B 154 -26.72 -8.87 -47.04
CA THR B 154 -26.03 -8.88 -48.32
C THR B 154 -24.73 -9.67 -48.18
N ILE B 155 -24.37 -10.42 -49.23
CA ILE B 155 -23.30 -11.41 -49.16
C ILE B 155 -22.28 -11.16 -50.25
N ASN B 156 -21.01 -11.33 -49.92
CA ASN B 156 -19.90 -11.20 -50.86
C ASN B 156 -19.09 -12.48 -51.07
N GLY B 157 -19.23 -13.47 -50.18
CA GLY B 157 -18.39 -14.65 -50.21
C GLY B 157 -19.10 -15.94 -50.60
N THR B 158 -19.55 -16.72 -49.62
CA THR B 158 -20.17 -18.01 -49.88
C THR B 158 -21.18 -18.35 -48.79
N LEU B 159 -22.25 -19.03 -49.19
CA LEU B 159 -23.30 -19.48 -48.29
C LEU B 159 -23.79 -20.85 -48.76
N ARG B 160 -23.81 -21.83 -47.85
CA ARG B 160 -24.20 -23.20 -48.17
C ARG B 160 -24.92 -23.80 -46.95
N ALA B 161 -26.26 -23.83 -47.01
CA ALA B 161 -27.08 -24.34 -45.93
C ALA B 161 -27.57 -25.74 -46.27
N GLU B 162 -28.27 -26.38 -45.32
CA GLU B 162 -28.95 -27.63 -45.64
C GLU B 162 -30.42 -27.42 -46.01
N LYS B 163 -31.11 -26.51 -45.34
CA LYS B 163 -32.49 -26.17 -45.69
C LYS B 163 -32.64 -24.67 -45.87
N ILE B 164 -33.24 -24.29 -46.99
CA ILE B 164 -33.48 -22.91 -47.40
C ILE B 164 -34.93 -22.87 -47.85
N VAL B 165 -35.80 -22.27 -47.03
CA VAL B 165 -37.22 -22.20 -47.33
C VAL B 165 -37.67 -20.74 -47.26
N GLY B 166 -38.49 -20.34 -48.23
CA GLY B 166 -38.99 -18.98 -48.27
C GLY B 166 -39.37 -18.53 -49.68
N GLU C 1 35.80 34.58 57.62
CA GLU C 1 34.85 33.59 57.17
C GLU C 1 34.90 32.35 58.06
N LEU C 2 33.75 31.98 58.62
CA LEU C 2 33.67 30.91 59.62
C LEU C 2 32.90 29.71 59.10
N LEU C 3 31.67 29.92 58.65
CA LEU C 3 30.76 28.83 58.36
C LEU C 3 30.67 28.51 56.87
N GLU C 4 31.24 29.37 56.03
CA GLU C 4 30.99 29.33 54.59
C GLU C 4 31.32 27.98 53.98
N LYS C 5 32.52 27.47 54.26
CA LYS C 5 32.92 26.18 53.73
C LYS C 5 32.11 25.06 54.37
N VAL C 6 31.76 25.23 55.65
CA VAL C 6 30.99 24.21 56.37
C VAL C 6 29.57 24.12 55.83
N GLU C 7 28.91 25.27 55.67
CA GLU C 7 27.52 25.26 55.22
C GLU C 7 27.40 24.76 53.79
N LEU C 8 28.42 25.03 52.98
CA LEU C 8 28.43 24.53 51.61
C LEU C 8 28.34 23.01 51.58
N THR C 9 28.90 22.36 52.60
CA THR C 9 28.85 20.91 52.67
C THR C 9 27.41 20.40 52.73
N GLU C 10 26.63 20.92 53.68
CA GLU C 10 25.26 20.44 53.82
C GLU C 10 24.39 20.90 52.66
N ASP C 11 24.65 22.11 52.14
CA ASP C 11 23.91 22.57 50.98
C ASP C 11 24.13 21.64 49.80
N ASN C 12 25.40 21.30 49.53
CA ASN C 12 25.71 20.30 48.52
C ASN C 12 24.95 19.01 48.80
N ALA C 13 25.18 18.41 49.97
CA ALA C 13 24.59 17.11 50.29
C ALA C 13 23.08 17.09 50.01
N SER C 14 22.37 18.12 50.46
CA SER C 14 20.93 18.18 50.20
C SER C 14 20.63 18.29 48.70
N ARG C 15 21.39 19.13 48.00
CA ARG C 15 21.16 19.31 46.57
C ARG C 15 21.45 18.03 45.80
N LEU C 16 22.48 17.30 46.21
CA LEU C 16 22.78 15.99 45.64
C LEU C 16 21.65 15.01 45.91
N GLU C 17 21.10 15.03 47.13
CA GLU C 17 20.02 14.11 47.45
C GLU C 17 18.82 14.33 46.55
N GLU C 18 18.40 15.59 46.41
CA GLU C 18 17.23 15.87 45.55
C GLU C 18 17.55 15.61 44.08
N PHE C 19 18.77 15.94 43.66
CA PHE C 19 19.17 15.77 42.27
C PHE C 19 19.19 14.27 41.94
N SER C 20 19.67 13.46 42.87
CA SER C 20 19.63 12.01 42.71
C SER C 20 18.21 11.50 42.67
N LYS C 21 17.33 12.07 43.51
CA LYS C 21 15.93 11.65 43.48
C LYS C 21 15.31 11.86 42.11
N GLU C 22 15.46 13.07 41.56
CA GLU C 22 14.88 13.33 40.25
C GLU C 22 15.55 12.48 39.18
N TRP C 23 16.86 12.24 39.32
CA TRP C 23 17.56 11.41 38.35
C TRP C 23 17.05 9.97 38.39
N LYS C 24 16.82 9.42 39.58
CA LYS C 24 16.29 8.07 39.69
C LYS C 24 14.90 7.98 39.07
N ASP C 25 14.05 8.97 39.36
CA ASP C 25 12.71 8.96 38.78
C ASP C 25 12.79 9.00 37.26
N ALA C 26 13.58 9.93 36.71
CA ALA C 26 13.69 10.06 35.27
C ALA C 26 14.31 8.81 34.65
N SER C 27 15.32 8.25 35.31
CA SER C 27 15.99 7.06 34.79
C SER C 27 15.03 5.88 34.74
N ASP C 28 14.18 5.75 35.76
CA ASP C 28 13.14 4.73 35.72
C ASP C 28 12.19 4.98 34.55
N LYS C 29 11.88 6.25 34.29
CA LYS C 29 11.02 6.57 33.15
C LYS C 29 11.67 6.12 31.84
N TRP C 30 12.97 6.39 31.67
CA TRP C 30 13.62 5.87 30.47
C TRP C 30 13.64 4.36 30.46
N ASN C 31 13.91 3.72 31.61
CA ASN C 31 13.82 2.27 31.69
C ASN C 31 12.49 1.76 31.21
N ALA C 32 11.42 2.54 31.42
CA ALA C 32 10.11 2.21 30.89
C ALA C 32 9.99 2.45 29.39
N MET C 33 10.69 3.46 28.84
CA MET C 33 10.49 3.76 27.43
C MET C 33 11.02 2.64 26.52
N ALA C 34 12.33 2.38 26.53
CA ALA C 34 12.84 1.41 25.56
C ALA C 34 12.39 0.00 25.89
N ALA C 35 11.89 -0.24 27.10
CA ALA C 35 11.38 -1.56 27.45
C ALA C 35 10.24 -1.94 26.54
N VAL C 36 9.35 -1.01 26.25
CA VAL C 36 8.25 -1.21 25.31
C VAL C 36 8.51 -0.49 23.98
N LYS C 37 8.85 0.80 24.04
CA LYS C 37 9.02 1.59 22.82
C LYS C 37 10.41 1.31 22.24
N ALA C 38 10.45 0.64 21.10
CA ALA C 38 11.69 0.24 20.45
C ALA C 38 12.50 -0.61 21.44
N GLU C 39 13.82 -0.57 21.33
CA GLU C 39 14.71 -1.25 22.27
C GLU C 39 15.95 -0.37 22.44
N GLN C 40 17.04 -0.94 22.95
CA GLN C 40 18.29 -0.22 23.07
C GLN C 40 19.42 -1.25 23.13
N THR C 41 20.59 -0.82 23.61
CA THR C 41 21.80 -1.63 23.85
C THR C 41 22.30 -2.15 22.51
N LYS C 42 22.88 -3.35 22.48
CA LYS C 42 23.47 -3.94 21.29
C LYS C 42 22.74 -5.21 20.89
N ASP C 43 21.44 -5.26 21.19
CA ASP C 43 20.62 -6.46 21.03
C ASP C 43 20.91 -7.21 19.75
N GLY C 44 21.05 -8.53 19.88
CA GLY C 44 21.47 -9.36 18.76
C GLY C 44 20.47 -9.30 17.63
N LYS C 45 20.89 -9.84 16.49
CA LYS C 45 20.06 -9.84 15.29
C LYS C 45 19.30 -11.16 15.18
N HIS C 46 18.34 -11.32 16.07
CA HIS C 46 17.40 -12.44 16.01
C HIS C 46 15.96 -11.96 15.83
N TYR C 47 15.46 -11.11 16.71
CA TYR C 47 14.10 -10.61 16.58
C TYR C 47 14.04 -9.09 16.58
N VAL C 48 14.84 -8.43 17.42
CA VAL C 48 15.16 -7.00 17.39
C VAL C 48 13.99 -6.15 16.90
N ALA C 49 12.78 -6.48 17.32
CA ALA C 49 11.63 -5.67 16.94
C ALA C 49 11.66 -4.34 17.66
N GLY C 50 11.08 -3.33 17.02
CA GLY C 50 11.06 -1.98 17.55
C GLY C 50 11.67 -1.01 16.57
N ILE C 51 11.62 0.26 16.94
CA ILE C 51 12.11 1.33 16.07
C ILE C 51 13.63 1.40 16.18
N GLY C 52 14.30 1.27 15.03
CA GLY C 52 15.74 1.35 15.00
C GLY C 52 16.29 1.60 13.61
N LEU C 53 17.21 2.55 13.50
CA LEU C 53 17.91 2.84 12.26
C LEU C 53 19.36 2.46 12.40
N SER C 54 19.88 1.70 11.44
CA SER C 54 21.27 1.27 11.44
C SER C 54 21.91 1.58 10.10
N MET C 55 23.10 2.16 10.15
CA MET C 55 23.88 2.49 8.95
C MET C 55 25.00 1.48 8.84
N GLU C 56 24.80 0.48 7.98
CA GLU C 56 25.79 -0.56 7.75
C GLU C 56 26.41 -0.39 6.37
N ASP C 57 27.73 -0.52 6.30
CA ASP C 57 28.40 -0.40 5.02
C ASP C 57 28.06 -1.57 4.11
N THR C 58 28.11 -1.33 2.81
CA THR C 58 27.85 -2.34 1.80
C THR C 58 28.92 -2.22 0.71
N GLU C 59 28.77 -3.04 -0.33
CA GLU C 59 29.68 -2.94 -1.47
C GLU C 59 29.53 -1.59 -2.16
N GLU C 60 28.29 -1.14 -2.35
CA GLU C 60 28.07 0.21 -2.88
C GLU C 60 28.44 1.26 -1.83
N GLY C 61 28.15 1.00 -0.56
CA GLY C 61 28.48 1.94 0.49
C GLY C 61 27.58 1.82 1.71
N LYS C 62 27.16 2.96 2.23
CA LYS C 62 26.33 2.96 3.42
C LYS C 62 24.94 2.39 3.12
N LEU C 63 24.24 2.02 4.18
CA LEU C 63 22.88 1.51 4.08
C LEU C 63 22.20 1.82 5.41
N SER C 64 21.34 2.83 5.42
CA SER C 64 20.64 3.26 6.64
C SER C 64 19.27 2.61 6.65
N GLN C 65 19.23 1.36 7.09
CA GLN C 65 17.98 0.60 7.15
C GLN C 65 17.21 0.96 8.41
N PHE C 66 15.89 0.97 8.29
CA PHE C 66 15.00 1.43 9.35
C PHE C 66 13.95 0.35 9.61
N LEU C 67 14.09 -0.35 10.72
CA LEU C 67 13.35 -1.58 10.97
C LEU C 67 12.09 -1.30 11.80
N VAL C 68 10.96 -1.79 11.31
CA VAL C 68 9.68 -1.68 12.02
C VAL C 68 8.93 -3.01 11.93
N ALA C 69 9.03 -3.83 12.97
CA ALA C 69 8.20 -5.02 13.08
C ALA C 69 7.01 -4.70 13.99
N ALA C 70 6.06 -3.96 13.41
CA ALA C 70 5.03 -3.31 14.21
C ALA C 70 3.73 -3.32 13.43
N ASN C 71 2.80 -2.45 13.83
CA ASN C 71 1.39 -2.65 13.54
C ASN C 71 0.73 -1.48 12.84
N ARG C 72 -0.61 -1.50 12.80
CA ARG C 72 -1.44 -0.61 11.99
C ARG C 72 -0.95 0.83 11.99
N ILE C 73 -1.02 1.47 10.82
CA ILE C 73 -0.55 2.84 10.60
C ILE C 73 -1.65 3.60 9.86
N ALA C 74 -1.65 4.92 10.05
CA ALA C 74 -2.54 5.79 9.29
C ALA C 74 -1.82 7.11 9.02
N ALA C 75 -1.86 7.58 7.78
CA ALA C 75 -1.09 8.77 7.41
C ALA C 75 -1.92 9.71 6.55
N ILE C 76 -1.56 10.99 6.62
CA ILE C 76 -2.24 12.07 5.92
C ILE C 76 -1.20 12.89 5.15
N ASP C 77 -1.67 13.63 4.15
CA ASP C 77 -0.79 14.49 3.37
C ASP C 77 -0.68 15.85 4.05
N PRO C 78 0.52 16.28 4.47
CA PRO C 78 0.69 17.62 5.04
C PRO C 78 0.99 18.71 4.02
N ALA C 79 0.80 18.45 2.73
CA ALA C 79 1.24 19.34 1.66
C ALA C 79 0.67 20.75 1.81
N ASN C 80 1.55 21.70 2.13
CA ASN C 80 1.29 23.14 2.23
C ASN C 80 -0.09 23.47 2.78
N GLY C 81 -0.53 22.72 3.79
CA GLY C 81 -1.87 22.90 4.31
C GLY C 81 -2.89 21.99 3.66
N ASN C 82 -2.63 20.69 3.71
CA ASN C 82 -3.57 19.67 3.28
C ASN C 82 -3.87 18.76 4.47
N GLU C 83 -5.09 18.23 4.51
CA GLU C 83 -5.54 17.49 5.70
C GLU C 83 -6.36 16.26 5.34
N THR C 84 -6.12 15.66 4.18
CA THR C 84 -6.99 14.58 3.71
C THR C 84 -6.29 13.23 3.78
N PRO C 85 -6.65 12.36 4.73
CA PRO C 85 -6.08 11.01 4.74
C PRO C 85 -6.49 10.24 3.49
N MET C 86 -5.57 9.42 2.98
CA MET C 86 -5.76 8.77 1.69
C MET C 86 -5.66 7.24 1.74
N PHE C 87 -4.72 6.68 2.49
CA PHE C 87 -4.53 5.23 2.54
C PHE C 87 -4.51 4.76 3.99
N VAL C 88 -5.50 5.18 4.77
CA VAL C 88 -5.46 5.00 6.23
C VAL C 88 -6.08 3.64 6.53
N ALA C 89 -5.25 2.60 6.42
CA ALA C 89 -5.45 1.28 7.01
C ALA C 89 -6.90 0.80 6.95
N GLN C 90 -7.37 0.58 5.73
CA GLN C 90 -8.69 -0.01 5.54
C GLN C 90 -8.64 -1.07 4.44
N GLY C 91 -7.44 -1.57 4.13
CA GLY C 91 -7.28 -2.57 3.09
C GLY C 91 -7.42 -2.04 1.68
N ASN C 92 -6.42 -1.27 1.23
CA ASN C 92 -6.40 -0.68 -0.11
C ASN C 92 -7.61 0.24 -0.30
N GLN C 93 -7.52 1.36 0.40
CA GLN C 93 -8.68 2.20 0.68
C GLN C 93 -9.24 2.84 -0.59
N ILE C 94 -8.46 3.73 -1.22
CA ILE C 94 -9.07 4.65 -2.17
C ILE C 94 -9.03 4.13 -3.60
N PHE C 95 -7.84 4.02 -4.19
CA PHE C 95 -7.73 3.71 -5.60
C PHE C 95 -6.27 3.59 -5.96
N MET C 96 -6.01 3.06 -7.15
CA MET C 96 -4.67 2.86 -7.65
C MET C 96 -4.40 3.80 -8.83
N ASN C 97 -3.17 4.30 -8.89
CA ASN C 97 -2.71 5.09 -10.03
C ASN C 97 -2.31 4.17 -11.17
N ASP C 98 -1.58 4.70 -12.15
CA ASP C 98 -1.03 3.88 -13.22
C ASP C 98 -0.38 2.63 -12.65
N VAL C 99 -0.95 1.48 -12.97
CA VAL C 99 -0.55 0.22 -12.36
C VAL C 99 -0.45 -0.86 -13.43
N PHE C 100 0.61 -1.65 -13.35
CA PHE C 100 0.70 -2.88 -14.12
C PHE C 100 0.21 -4.04 -13.26
N LEU C 101 -0.38 -5.03 -13.92
CA LEU C 101 -0.99 -6.15 -13.23
C LEU C 101 -0.62 -7.43 -13.95
N LYS C 102 -0.75 -8.56 -13.24
CA LYS C 102 -0.44 -9.86 -13.84
C LYS C 102 -1.64 -10.80 -13.85
N ARG C 103 -2.28 -11.03 -12.71
CA ARG C 103 -3.38 -12.00 -12.66
C ARG C 103 -4.40 -11.55 -11.62
N LEU C 104 -5.58 -12.17 -11.69
CA LEU C 104 -6.70 -11.80 -10.85
C LEU C 104 -7.62 -12.99 -10.63
N THR C 105 -8.62 -12.79 -9.77
CA THR C 105 -9.76 -13.71 -9.65
C THR C 105 -10.89 -12.91 -9.00
N ALA C 106 -11.86 -12.49 -9.81
CA ALA C 106 -12.89 -11.55 -9.34
C ALA C 106 -14.25 -11.87 -9.95
N PRO C 107 -15.32 -11.82 -9.16
CA PRO C 107 -16.66 -11.95 -9.75
C PRO C 107 -17.07 -10.74 -10.59
N THR C 108 -16.99 -9.54 -10.03
CA THR C 108 -17.67 -8.38 -10.59
C THR C 108 -16.69 -7.33 -11.07
N ILE C 109 -16.89 -6.85 -12.31
CA ILE C 109 -16.11 -5.75 -12.87
C ILE C 109 -17.04 -4.85 -13.66
N THR C 110 -16.86 -3.53 -13.53
CA THR C 110 -17.72 -2.57 -14.23
C THR C 110 -16.83 -1.60 -15.01
N SER C 111 -17.45 -0.53 -15.50
CA SER C 111 -16.74 0.57 -16.14
C SER C 111 -16.46 1.71 -15.15
N GLY C 112 -17.55 2.23 -14.56
CA GLY C 112 -17.48 3.39 -13.64
C GLY C 112 -18.16 4.57 -14.31
N GLY C 113 -19.47 4.80 -14.13
CA GLY C 113 -20.08 5.90 -14.90
C GLY C 113 -21.34 6.62 -14.44
N ASN C 114 -21.44 7.94 -14.71
CA ASN C 114 -22.67 8.76 -14.47
C ASN C 114 -23.47 8.50 -15.74
N PRO C 115 -24.69 9.02 -16.03
CA PRO C 115 -25.46 8.52 -17.14
C PRO C 115 -24.51 7.47 -17.83
N PRO C 116 -24.22 6.20 -17.33
CA PRO C 116 -23.13 5.16 -17.80
C PRO C 116 -23.17 3.98 -18.84
N ALA C 117 -22.33 2.86 -18.74
CA ALA C 117 -22.25 1.81 -19.85
C ALA C 117 -21.78 0.32 -19.66
N PHE C 118 -20.59 -0.16 -20.18
CA PHE C 118 -20.25 -1.57 -20.35
C PHE C 118 -19.64 -2.14 -19.08
N SER C 119 -19.70 -3.46 -18.93
CA SER C 119 -19.20 -4.10 -17.72
C SER C 119 -18.91 -5.57 -18.00
N LEU C 120 -18.11 -6.17 -17.13
CA LEU C 120 -17.75 -7.58 -17.16
C LEU C 120 -18.25 -8.18 -15.84
N THR C 121 -19.50 -8.64 -15.87
CA THR C 121 -20.18 -9.11 -14.67
C THR C 121 -19.78 -10.54 -14.33
N PRO C 122 -20.11 -11.02 -13.13
CA PRO C 122 -19.87 -12.44 -12.82
C PRO C 122 -20.53 -13.39 -13.80
N ASP C 123 -21.70 -13.06 -14.33
CA ASP C 123 -22.39 -13.95 -15.25
C ASP C 123 -22.05 -13.65 -16.71
N GLY C 124 -20.75 -13.54 -17.01
CA GLY C 124 -20.28 -13.45 -18.39
C GLY C 124 -20.77 -12.26 -19.18
N LYS C 125 -21.68 -11.46 -18.63
CA LYS C 125 -22.35 -10.42 -19.40
C LYS C 125 -21.34 -9.40 -19.92
N LEU C 126 -21.48 -9.03 -21.19
CA LEU C 126 -20.66 -7.96 -21.73
C LEU C 126 -21.38 -7.28 -22.89
N THR C 127 -21.49 -5.96 -22.78
CA THR C 127 -21.98 -5.11 -23.86
C THR C 127 -20.78 -4.34 -24.41
N ALA C 128 -20.04 -4.99 -25.29
CA ALA C 128 -18.86 -4.42 -25.91
C ALA C 128 -19.27 -3.88 -27.28
N LYS C 129 -19.14 -2.56 -27.45
CA LYS C 129 -19.68 -1.91 -28.64
C LYS C 129 -18.94 -2.28 -29.91
N ASN C 130 -17.83 -2.99 -29.82
CA ASN C 130 -17.06 -3.39 -30.99
C ASN C 130 -16.33 -4.68 -30.64
N ALA C 131 -16.95 -5.82 -30.97
CA ALA C 131 -16.39 -7.12 -30.61
C ALA C 131 -15.66 -7.72 -31.82
N ASP C 132 -14.47 -7.20 -32.07
CA ASP C 132 -13.64 -7.70 -33.16
C ASP C 132 -13.03 -9.03 -32.75
N ILE C 133 -13.13 -10.04 -33.63
CA ILE C 133 -12.59 -11.37 -33.37
C ILE C 133 -11.83 -11.82 -34.61
N SER C 134 -10.58 -12.28 -34.41
CA SER C 134 -9.76 -12.79 -35.50
C SER C 134 -9.48 -14.27 -35.35
N GLY C 135 -10.27 -14.98 -34.55
CA GLY C 135 -10.09 -16.41 -34.38
C GLY C 135 -11.39 -17.14 -34.13
N SER C 136 -11.29 -18.32 -33.53
CA SER C 136 -12.43 -19.22 -33.42
C SER C 136 -13.53 -18.61 -32.56
N VAL C 137 -14.77 -19.01 -32.85
CA VAL C 137 -15.96 -18.56 -32.14
C VAL C 137 -16.88 -19.75 -31.96
N ASN C 138 -17.48 -19.88 -30.77
CA ASN C 138 -18.51 -20.87 -30.49
C ASN C 138 -19.74 -20.12 -29.96
N ALA C 139 -20.67 -19.80 -30.85
CA ALA C 139 -21.88 -19.07 -30.49
C ALA C 139 -23.06 -20.01 -30.50
N ASN C 140 -23.88 -19.95 -29.45
CA ASN C 140 -25.09 -20.74 -29.39
C ASN C 140 -26.36 -19.91 -29.54
N SER C 141 -26.22 -18.59 -29.68
CA SER C 141 -27.35 -17.72 -29.96
C SER C 141 -26.81 -16.44 -30.57
N GLY C 142 -27.68 -15.72 -31.28
CA GLY C 142 -27.32 -14.42 -31.79
C GLY C 142 -28.38 -13.80 -32.69
N THR C 143 -28.43 -12.47 -32.71
CA THR C 143 -29.39 -11.76 -33.54
C THR C 143 -28.60 -10.73 -34.36
N LEU C 144 -28.42 -11.02 -35.65
CA LEU C 144 -27.57 -10.23 -36.52
C LEU C 144 -28.40 -9.47 -37.54
N SER C 145 -28.27 -8.15 -37.55
CA SER C 145 -29.08 -7.31 -38.43
C SER C 145 -28.48 -7.21 -39.83
N ASN C 146 -27.31 -6.58 -39.94
CA ASN C 146 -26.65 -6.34 -41.22
C ASN C 146 -25.57 -7.41 -41.40
N VAL C 147 -25.87 -8.40 -42.22
CA VAL C 147 -24.97 -9.53 -42.45
C VAL C 147 -24.00 -9.13 -43.55
N THR C 148 -22.71 -9.26 -43.29
CA THR C 148 -21.71 -9.16 -44.35
C THR C 148 -21.00 -10.50 -44.44
N ILE C 149 -21.58 -11.42 -45.20
CA ILE C 149 -20.91 -12.70 -45.43
C ILE C 149 -19.75 -12.46 -46.38
N ALA C 150 -18.53 -12.48 -45.85
CA ALA C 150 -17.35 -12.06 -46.58
C ALA C 150 -16.62 -13.21 -47.25
N GLU C 151 -16.40 -14.29 -46.53
CA GLU C 151 -15.73 -15.46 -47.07
C GLU C 151 -16.67 -16.65 -46.98
N ASN C 152 -16.13 -17.84 -47.24
CA ASN C 152 -16.93 -19.03 -47.33
C ASN C 152 -17.63 -19.33 -46.00
N CYS C 153 -18.96 -19.39 -46.04
CA CYS C 153 -19.80 -19.71 -44.90
C CYS C 153 -20.43 -21.10 -45.09
N THR C 154 -21.09 -21.58 -44.04
CA THR C 154 -21.86 -22.80 -44.15
C THR C 154 -22.90 -22.78 -43.02
N ILE C 155 -23.96 -23.56 -43.20
CA ILE C 155 -25.04 -23.65 -42.22
C ILE C 155 -25.29 -25.13 -41.95
N ASN C 156 -25.31 -25.50 -40.67
CA ASN C 156 -25.73 -26.83 -40.26
C ASN C 156 -27.19 -26.87 -39.82
N GLY C 157 -27.67 -25.85 -39.12
CA GLY C 157 -29.04 -25.90 -38.66
C GLY C 157 -30.08 -25.63 -39.72
N THR C 158 -30.22 -24.38 -40.16
CA THR C 158 -31.21 -24.01 -41.18
C THR C 158 -31.13 -22.51 -41.49
N LEU C 159 -31.50 -22.13 -42.73
CA LEU C 159 -31.75 -20.74 -43.08
C LEU C 159 -33.11 -20.63 -43.74
N ARG C 160 -33.79 -19.53 -43.48
CA ARG C 160 -35.10 -19.31 -44.08
C ARG C 160 -35.32 -17.79 -44.20
N ALA C 161 -35.23 -17.28 -45.42
CA ALA C 161 -35.28 -15.85 -45.69
C ALA C 161 -36.48 -15.52 -46.57
N GLU C 162 -37.17 -14.43 -46.22
CA GLU C 162 -38.25 -13.95 -47.06
C GLU C 162 -37.73 -13.51 -48.42
N LYS C 163 -36.58 -12.86 -48.45
CA LYS C 163 -35.97 -12.39 -49.68
C LYS C 163 -34.96 -13.41 -50.19
N ILE C 164 -34.63 -13.29 -51.47
CA ILE C 164 -33.67 -14.17 -52.13
C ILE C 164 -33.15 -13.47 -53.38
N VAL C 165 -31.83 -13.45 -53.51
CA VAL C 165 -31.17 -12.95 -54.73
C VAL C 165 -30.32 -14.08 -55.29
N GLY C 166 -30.54 -14.41 -56.56
CA GLY C 166 -29.80 -15.46 -57.22
C GLY C 166 -30.68 -16.41 -58.00
#